data_1UZA
#
_entry.id   1UZA
#
_cell.length_a   38.298
_cell.length_b   39.681
_cell.length_c   77.071
_cell.angle_alpha   75.24
_cell.angle_beta   78.82
_cell.angle_gamma   71.30
#
_symmetry.space_group_name_H-M   'P 1'
#
loop_
_entity.id
_entity.type
_entity.pdbx_description
1 polymer 'FERULOYL ESTERASE A'
2 non-polymer 2-acetamido-2-deoxy-beta-D-glucopyranose
3 non-polymer 'SULFATE ION'
4 water water
#
_entity_poly.entity_id   1
_entity_poly.type   'polypeptide(L)'
_entity_poly.pdbx_seq_one_letter_code
;ASTQGISEDLYNRLVEMATISQAAYADLCNIPSTIIKGEKIYNAQTDINGWILRDDTSKEIITVFRGTGSDTNLQLDTNY
TLTPFDTLPQCNDCEVHGGYYIGWISVQDQVESLVKQQASQYPDYALTVTGHSLGASMAALTAAQLSATYDNVRLYTFGE
PRSGNQAFASYMNDAFQVSSPETTQYFRVTHSNDGIPNLPPAEQGYAHGGVEYWSVDPYSAQNTFVCTGDEVQCCEAQGG
QGVNDAHTTYFGMTSGACTWV
;
_entity_poly.pdbx_strand_id   A,B
#
# COMPACT_ATOMS: atom_id res chain seq x y z
N SER A 2 -35.36 0.44 9.20
CA SER A 2 -35.97 1.63 9.85
C SER A 2 -37.09 2.37 9.08
N THR A 3 -36.87 3.51 8.42
CA THR A 3 -37.98 4.39 7.97
C THR A 3 -38.26 4.30 6.46
N GLN A 4 -39.50 4.04 6.09
CA GLN A 4 -39.92 3.92 4.70
C GLN A 4 -40.00 5.28 3.97
N GLY A 5 -39.32 5.42 2.83
CA GLY A 5 -39.49 6.51 1.91
C GLY A 5 -38.40 7.54 2.01
N ILE A 6 -37.95 7.97 0.85
CA ILE A 6 -37.11 9.16 0.72
C ILE A 6 -37.70 10.13 -0.26
N SER A 7 -37.18 11.36 -0.28
CA SER A 7 -37.65 12.38 -1.14
C SER A 7 -37.23 12.07 -2.57
N GLU A 8 -37.97 12.61 -3.54
CA GLU A 8 -37.62 12.45 -4.93
C GLU A 8 -36.25 13.10 -5.23
N ASP A 9 -35.93 14.25 -4.62
CA ASP A 9 -34.65 14.91 -4.87
C ASP A 9 -33.50 13.99 -4.40
N LEU A 10 -33.65 13.40 -3.23
CA LEU A 10 -32.62 12.44 -2.77
C LEU A 10 -32.55 11.20 -3.66
N TYR A 11 -33.66 10.61 -3.98
CA TYR A 11 -33.70 9.45 -4.87
C TYR A 11 -32.98 9.77 -6.18
N ASN A 12 -33.22 10.92 -6.75
CA ASN A 12 -32.57 11.26 -8.00
C ASN A 12 -31.06 11.33 -7.82
N ARG A 13 -30.62 11.93 -6.73
CA ARG A 13 -29.22 11.97 -6.40
C ARG A 13 -28.57 10.62 -6.25
N LEU A 14 -29.23 9.70 -5.53
CA LEU A 14 -28.73 8.32 -5.43
C LEU A 14 -28.68 7.62 -6.79
N VAL A 15 -29.70 7.83 -7.61
CA VAL A 15 -29.71 7.25 -8.96
C VAL A 15 -28.55 7.79 -9.79
N GLU A 16 -28.28 9.10 -9.69
CA GLU A 16 -27.19 9.74 -10.43
C GLU A 16 -25.85 9.11 -10.06
N MET A 17 -25.62 8.99 -8.75
CA MET A 17 -24.34 8.40 -8.29
C MET A 17 -24.25 6.89 -8.62
N ALA A 18 -25.35 6.18 -8.54
CA ALA A 18 -25.37 4.79 -9.00
C ALA A 18 -24.99 4.70 -10.46
N THR A 19 -25.51 5.60 -11.27
CA THR A 19 -25.22 5.57 -12.72
C THR A 19 -23.72 5.75 -12.96
N ILE A 20 -23.12 6.74 -12.29
CA ILE A 20 -21.69 7.02 -12.44
C ILE A 20 -20.93 5.76 -12.00
N SER A 21 -21.31 5.17 -10.86
CA SER A 21 -20.65 3.97 -10.34
C SER A 21 -20.74 2.77 -11.27
N GLN A 22 -21.89 2.59 -11.89
CA GLN A 22 -22.08 1.41 -12.74
C GLN A 22 -21.46 1.68 -14.12
N ALA A 23 -21.35 2.96 -14.51
CA ALA A 23 -20.69 3.31 -15.78
C ALA A 23 -19.20 3.18 -15.71
N ALA A 24 -18.65 3.15 -14.52
CA ALA A 24 -17.21 3.05 -14.35
C ALA A 24 -16.71 1.70 -14.80
N TYR A 25 -17.60 0.73 -14.99
CA TYR A 25 -17.23 -0.60 -15.49
C TYR A 25 -17.15 -0.62 -17.02
N ALA A 26 -17.52 0.48 -17.67
CA ALA A 26 -17.55 0.59 -19.13
C ALA A 26 -17.08 1.97 -19.62
N ASP A 27 -15.93 2.42 -19.08
CA ASP A 27 -15.27 3.62 -19.61
C ASP A 27 -16.25 4.83 -19.54
N LEU A 28 -17.08 4.83 -18.50
CA LEU A 28 -18.01 5.92 -18.21
C LEU A 28 -19.03 6.23 -19.30
N CYS A 29 -19.55 5.15 -19.88
CA CYS A 29 -20.62 5.29 -20.82
C CYS A 29 -21.84 6.04 -20.27
N ASN A 30 -22.36 6.96 -21.07
CA ASN A 30 -23.63 7.64 -20.78
C ASN A 30 -23.77 8.20 -19.37
N ILE A 31 -22.72 8.81 -18.83
CA ILE A 31 -22.87 9.48 -17.56
C ILE A 31 -23.62 10.79 -17.85
N PRO A 32 -24.19 11.40 -16.82
CA PRO A 32 -24.91 12.65 -17.03
C PRO A 32 -24.12 13.69 -17.79
N SER A 33 -24.81 14.40 -18.69
CA SER A 33 -24.29 15.44 -19.51
C SER A 33 -23.77 16.64 -18.73
N THR A 34 -24.10 16.74 -17.43
CA THR A 34 -23.56 17.82 -16.57
C THR A 34 -22.12 17.54 -16.12
N ILE A 35 -21.57 16.38 -16.52
CA ILE A 35 -20.25 15.98 -16.04
C ILE A 35 -19.15 16.08 -17.09
N ILE A 36 -18.02 16.68 -16.72
CA ILE A 36 -16.81 16.71 -17.51
C ILE A 36 -15.90 15.61 -16.99
N LYS A 37 -15.41 14.76 -17.87
CA LYS A 37 -14.50 13.69 -17.52
C LYS A 37 -13.08 14.23 -17.46
N GLY A 38 -12.40 14.02 -16.35
CA GLY A 38 -11.00 14.33 -16.24
C GLY A 38 -10.12 13.09 -16.36
N GLU A 39 -9.02 13.11 -15.64
CA GLU A 39 -7.99 12.10 -15.79
C GLU A 39 -8.35 10.75 -15.21
N LYS A 40 -7.93 9.70 -15.91
CA LYS A 40 -8.01 8.34 -15.45
C LYS A 40 -7.03 8.04 -14.33
N ILE A 41 -7.53 7.33 -13.32
CA ILE A 41 -6.77 6.83 -12.18
C ILE A 41 -6.57 5.35 -12.43
N TYR A 42 -5.34 4.88 -12.34
CA TYR A 42 -5.03 3.50 -12.65
C TYR A 42 -3.75 3.05 -12.00
N ASN A 43 -3.78 1.83 -11.45
CA ASN A 43 -2.55 1.13 -11.06
C ASN A 43 -2.56 -0.27 -11.56
N ALA A 44 -1.41 -0.65 -12.07
CA ALA A 44 -1.25 -1.91 -12.80
C ALA A 44 -1.13 -3.11 -11.88
N GLN A 45 -0.66 -2.96 -10.65
CA GLN A 45 -0.48 -4.10 -9.76
C GLN A 45 -1.82 -4.53 -9.15
N THR A 46 -2.68 -3.55 -8.86
CA THR A 46 -3.97 -3.84 -8.22
C THR A 46 -5.16 -3.81 -9.18
N ASP A 47 -4.94 -3.30 -10.36
CA ASP A 47 -6.00 -3.05 -11.36
C ASP A 47 -7.14 -2.19 -10.82
N ILE A 48 -6.80 -1.24 -10.00
CA ILE A 48 -7.76 -0.24 -9.57
C ILE A 48 -7.92 0.76 -10.68
N ASN A 49 -9.16 1.01 -11.07
CA ASN A 49 -9.56 1.93 -12.09
C ASN A 49 -10.49 2.98 -11.52
N GLY A 50 -10.23 4.25 -11.77
CA GLY A 50 -11.16 5.29 -11.40
C GLY A 50 -11.01 6.50 -12.30
N TRP A 51 -11.76 7.57 -12.05
CA TRP A 51 -11.60 8.84 -12.74
C TRP A 51 -11.89 9.96 -11.76
N ILE A 52 -11.34 11.13 -12.07
CA ILE A 52 -11.81 12.39 -11.52
C ILE A 52 -12.73 13.06 -12.53
N LEU A 53 -13.84 13.63 -12.06
CA LEU A 53 -14.87 14.23 -12.88
C LEU A 53 -15.22 15.59 -12.29
N ARG A 54 -15.90 16.48 -13.05
CA ARG A 54 -16.33 17.74 -12.50
C ARG A 54 -17.72 18.08 -13.03
N ASP A 55 -18.62 18.43 -12.14
CA ASP A 55 -19.96 18.86 -12.49
C ASP A 55 -20.05 20.31 -12.10
N ASP A 56 -19.98 21.23 -13.08
CA ASP A 56 -20.04 22.67 -12.77
C ASP A 56 -21.44 23.05 -12.36
N THR A 57 -22.43 22.41 -12.92
CA THR A 57 -23.79 22.77 -12.58
C THR A 57 -24.08 22.61 -11.08
N SER A 58 -23.63 21.50 -10.52
CA SER A 58 -23.82 21.33 -9.09
C SER A 58 -22.59 21.68 -8.24
N LYS A 59 -21.53 22.20 -8.85
CA LYS A 59 -20.33 22.65 -8.17
C LYS A 59 -19.74 21.54 -7.31
N GLU A 60 -19.47 20.42 -7.97
CA GLU A 60 -18.80 19.32 -7.30
C GLU A 60 -17.76 18.71 -8.18
N ILE A 61 -16.71 18.29 -7.50
CA ILE A 61 -15.62 17.51 -8.10
C ILE A 61 -15.86 16.08 -7.64
N ILE A 62 -16.07 15.13 -8.58
CA ILE A 62 -16.51 13.74 -8.28
C ILE A 62 -15.38 12.80 -8.59
N THR A 63 -15.05 11.94 -7.64
CA THR A 63 -14.04 10.91 -7.84
C THR A 63 -14.79 9.57 -7.84
N VAL A 64 -14.68 8.77 -8.87
CA VAL A 64 -15.35 7.49 -8.97
C VAL A 64 -14.37 6.34 -9.10
N PHE A 65 -14.64 5.21 -8.46
CA PHE A 65 -13.83 4.03 -8.61
C PHE A 65 -14.66 2.91 -9.17
N ARG A 66 -14.12 2.16 -10.12
CA ARG A 66 -14.76 0.95 -10.54
C ARG A 66 -14.62 -0.12 -9.50
N GLY A 67 -15.63 -1.01 -9.43
CA GLY A 67 -15.55 -2.19 -8.59
C GLY A 67 -14.88 -3.35 -9.34
N THR A 68 -15.19 -4.58 -8.95
CA THR A 68 -14.41 -5.72 -9.34
C THR A 68 -14.63 -6.06 -10.80
N GLY A 69 -13.55 -6.09 -11.54
CA GLY A 69 -13.57 -6.28 -12.97
C GLY A 69 -12.42 -7.12 -13.47
N SER A 70 -11.84 -7.95 -12.59
CA SER A 70 -10.65 -8.70 -12.93
C SER A 70 -10.29 -9.67 -11.83
N ASP A 71 -9.51 -10.70 -12.19
CA ASP A 71 -9.02 -11.66 -11.22
C ASP A 71 -8.19 -10.95 -10.14
N THR A 72 -7.41 -9.95 -10.55
CA THR A 72 -6.65 -9.16 -9.56
C THR A 72 -7.53 -8.48 -8.55
N ASN A 73 -8.60 -7.84 -9.03
CA ASN A 73 -9.55 -7.27 -8.07
C ASN A 73 -10.17 -8.29 -7.15
N LEU A 74 -10.51 -9.44 -7.68
CA LEU A 74 -11.09 -10.49 -6.84
C LEU A 74 -10.13 -10.92 -5.76
N GLN A 75 -8.84 -10.94 -6.06
CA GLN A 75 -7.85 -11.27 -5.04
C GLN A 75 -7.87 -10.23 -3.94
N LEU A 76 -7.92 -8.96 -4.31
CA LEU A 76 -7.99 -7.93 -3.28
C LEU A 76 -9.19 -8.13 -2.39
N ASP A 77 -10.33 -8.41 -3.01
CA ASP A 77 -11.59 -8.55 -2.26
C ASP A 77 -11.44 -9.54 -1.14
N THR A 78 -10.64 -10.59 -1.33
CA THR A 78 -10.55 -11.71 -0.39
C THR A 78 -9.57 -11.51 0.74
N ASN A 79 -8.77 -10.43 0.71
CA ASN A 79 -7.86 -10.17 1.84
C ASN A 79 -8.54 -9.41 2.98
N TYR A 80 -9.08 -10.18 3.92
CA TYR A 80 -9.84 -9.70 5.04
C TYR A 80 -9.00 -9.33 6.22
N THR A 81 -7.69 -9.37 6.11
CA THR A 81 -6.86 -8.98 7.24
C THR A 81 -7.02 -7.47 7.50
N LEU A 82 -7.30 -7.08 8.73
CA LEU A 82 -7.41 -5.69 9.14
C LEU A 82 -6.03 -5.08 9.18
N THR A 83 -5.89 -3.90 8.62
CA THR A 83 -4.62 -3.18 8.53
C THR A 83 -4.83 -1.75 9.08
N PRO A 84 -3.95 -1.28 9.96
CA PRO A 84 -4.01 0.12 10.45
C PRO A 84 -4.09 1.14 9.31
N PHE A 85 -5.02 2.09 9.43
CA PHE A 85 -5.24 3.05 8.36
C PHE A 85 -4.23 4.21 8.56
N ASP A 86 -2.97 3.94 8.24
CA ASP A 86 -1.90 4.87 8.59
C ASP A 86 -1.91 6.17 7.78
N THR A 87 -2.65 6.17 6.67
CA THR A 87 -3.07 7.36 5.89
C THR A 87 -3.54 8.47 6.80
N LEU A 88 -4.37 8.11 7.76
CA LEU A 88 -5.01 9.03 8.66
C LEU A 88 -4.57 8.78 10.08
N PRO A 89 -3.43 9.35 10.52
CA PRO A 89 -2.95 9.08 11.89
C PRO A 89 -3.91 9.53 12.98
N GLN A 90 -4.73 10.51 12.67
CA GLN A 90 -5.73 11.01 13.62
C GLN A 90 -6.92 10.03 13.79
N CYS A 91 -7.05 9.03 12.90
CA CYS A 91 -8.13 8.05 13.01
C CYS A 91 -7.64 7.04 14.00
N ASN A 92 -8.00 7.30 15.26
CA ASN A 92 -7.48 6.60 16.41
C ASN A 92 -7.90 5.14 16.41
N ASP A 93 -6.92 4.26 16.31
CA ASP A 93 -7.17 2.80 16.31
C ASP A 93 -7.94 2.33 15.09
N CYS A 94 -7.93 3.12 14.01
CA CYS A 94 -8.69 2.72 12.81
C CYS A 94 -7.96 1.68 12.01
N GLU A 95 -8.71 0.67 11.57
CA GLU A 95 -8.17 -0.35 10.72
C GLU A 95 -9.17 -0.58 9.58
N VAL A 96 -8.64 -0.96 8.41
CA VAL A 96 -9.43 -1.15 7.20
C VAL A 96 -9.13 -2.52 6.59
N HIS A 97 -10.03 -2.96 5.73
CA HIS A 97 -9.91 -4.16 4.95
C HIS A 97 -8.56 -4.18 4.24
N GLY A 98 -7.80 -5.25 4.41
CA GLY A 98 -6.41 -5.21 3.98
C GLY A 98 -6.28 -5.11 2.48
N GLY A 99 -7.10 -5.82 1.73
CA GLY A 99 -7.01 -5.71 0.30
C GLY A 99 -7.35 -4.37 -0.23
N TYR A 100 -8.41 -3.79 0.27
CA TYR A 100 -8.77 -2.46 -0.17
C TYR A 100 -7.74 -1.39 0.27
N TYR A 101 -7.02 -1.62 1.36
CA TYR A 101 -5.93 -0.75 1.71
C TYR A 101 -4.81 -0.80 0.69
N ILE A 102 -4.48 -1.99 0.16
CA ILE A 102 -3.48 -2.06 -0.89
C ILE A 102 -3.99 -1.30 -2.11
N GLY A 103 -5.26 -1.50 -2.45
CA GLY A 103 -5.88 -0.79 -3.54
C GLY A 103 -5.71 0.73 -3.41
N TRP A 104 -6.06 1.22 -2.24
CA TRP A 104 -5.97 2.62 -1.88
C TRP A 104 -4.53 3.12 -1.99
N ILE A 105 -3.60 2.44 -1.38
CA ILE A 105 -2.22 2.85 -1.48
C ILE A 105 -1.74 2.91 -2.91
N SER A 106 -2.14 1.92 -3.71
CA SER A 106 -1.70 1.85 -5.06
C SER A 106 -2.14 2.99 -5.97
N VAL A 107 -3.19 3.72 -5.59
CA VAL A 107 -3.64 4.90 -6.34
C VAL A 107 -3.60 6.20 -5.56
N GLN A 108 -3.22 6.15 -4.29
CA GLN A 108 -3.29 7.35 -3.46
C GLN A 108 -2.64 8.61 -4.05
N ASP A 109 -1.41 8.48 -4.50
CA ASP A 109 -0.69 9.65 -5.03
C ASP A 109 -1.45 10.24 -6.24
N GLN A 110 -2.02 9.41 -7.10
CA GLN A 110 -2.80 9.88 -8.27
C GLN A 110 -4.06 10.59 -7.76
N VAL A 111 -4.80 9.93 -6.86
CA VAL A 111 -6.03 10.53 -6.36
C VAL A 111 -5.76 11.90 -5.70
N GLU A 112 -4.80 11.96 -4.81
CA GLU A 112 -4.55 13.16 -4.05
C GLU A 112 -4.06 14.25 -4.96
N SER A 113 -3.20 13.93 -5.91
CA SER A 113 -2.67 14.98 -6.80
C SER A 113 -3.78 15.50 -7.72
N LEU A 114 -4.61 14.64 -8.28
CA LEU A 114 -5.65 15.11 -9.15
C LEU A 114 -6.75 15.84 -8.45
N VAL A 115 -7.12 15.41 -7.25
CA VAL A 115 -8.14 16.11 -6.50
C VAL A 115 -7.61 17.46 -6.12
N LYS A 116 -6.35 17.51 -5.68
CA LYS A 116 -5.72 18.79 -5.30
C LYS A 116 -5.75 19.74 -6.48
N GLN A 117 -5.47 19.26 -7.67
CA GLN A 117 -5.42 20.13 -8.85
C GLN A 117 -6.78 20.74 -9.13
N GLN A 118 -7.83 19.95 -9.04
CA GLN A 118 -9.18 20.42 -9.28
C GLN A 118 -9.61 21.35 -8.18
N ALA A 119 -9.39 20.97 -6.91
CA ALA A 119 -9.85 21.77 -5.80
C ALA A 119 -9.11 23.12 -5.74
N SER A 120 -7.87 23.15 -6.16
CA SER A 120 -7.12 24.44 -6.21
C SER A 120 -7.74 25.40 -7.21
N GLN A 121 -8.24 24.87 -8.29
CA GLN A 121 -8.83 25.74 -9.30
C GLN A 121 -10.28 26.10 -9.01
N TYR A 122 -10.99 25.17 -8.39
CA TYR A 122 -12.38 25.39 -8.06
C TYR A 122 -12.57 25.27 -6.55
N PRO A 123 -12.03 26.21 -5.77
CA PRO A 123 -11.97 26.03 -4.31
C PRO A 123 -13.29 26.05 -3.57
N ASP A 124 -14.32 26.50 -4.24
CA ASP A 124 -15.69 26.51 -3.72
C ASP A 124 -16.50 25.23 -3.98
N TYR A 125 -15.98 24.34 -4.83
CA TYR A 125 -16.75 23.16 -5.18
C TYR A 125 -16.64 22.11 -4.08
N ALA A 126 -17.67 21.36 -3.93
CA ALA A 126 -17.67 20.23 -3.01
C ALA A 126 -16.96 19.07 -3.63
N LEU A 127 -16.53 18.14 -2.77
CA LEU A 127 -15.84 16.92 -3.18
C LEU A 127 -16.73 15.73 -2.91
N THR A 128 -17.03 14.99 -3.95
CA THR A 128 -17.87 13.82 -3.84
C THR A 128 -17.12 12.57 -4.28
N VAL A 129 -17.28 11.46 -3.57
CA VAL A 129 -16.62 10.18 -3.92
C VAL A 129 -17.69 9.16 -4.00
N THR A 130 -17.58 8.33 -5.03
CA THR A 130 -18.54 7.25 -5.27
C THR A 130 -17.95 5.99 -5.91
N GLY A 131 -18.66 4.92 -5.75
CA GLY A 131 -18.32 3.66 -6.40
C GLY A 131 -19.22 2.58 -5.91
N HIS A 132 -19.10 1.44 -6.60
CA HIS A 132 -19.85 0.19 -6.37
C HIS A 132 -18.92 -0.93 -5.99
N SER A 133 -19.31 -1.70 -4.98
CA SER A 133 -18.58 -2.91 -4.54
C SER A 133 -17.15 -2.56 -4.13
N LEU A 134 -16.12 -3.18 -4.69
CA LEU A 134 -14.72 -2.81 -4.39
C LEU A 134 -14.52 -1.30 -4.57
N GLY A 135 -15.17 -0.74 -5.58
CA GLY A 135 -15.12 0.70 -5.81
C GLY A 135 -15.73 1.55 -4.71
N ALA A 136 -16.71 0.99 -4.04
CA ALA A 136 -17.34 1.60 -2.90
C ALA A 136 -16.38 1.65 -1.74
N SER A 137 -15.63 0.57 -1.46
CA SER A 137 -14.62 0.65 -0.40
C SER A 137 -13.46 1.55 -0.77
N MET A 138 -13.05 1.57 -2.01
CA MET A 138 -12.08 2.60 -2.45
C MET A 138 -12.58 3.99 -2.18
N ALA A 139 -13.86 4.20 -2.46
CA ALA A 139 -14.47 5.51 -2.25
C ALA A 139 -14.46 5.84 -0.78
N ALA A 140 -14.77 4.88 0.09
CA ALA A 140 -14.80 5.16 1.53
C ALA A 140 -13.43 5.58 2.07
N LEU A 141 -12.40 4.86 1.69
CA LEU A 141 -11.03 5.16 2.18
C LEU A 141 -10.58 6.52 1.61
N THR A 142 -10.90 6.77 0.34
CA THR A 142 -10.60 8.04 -0.31
C THR A 142 -11.31 9.18 0.40
N ALA A 143 -12.59 9.01 0.66
CA ALA A 143 -13.38 10.08 1.27
C ALA A 143 -12.89 10.31 2.70
N ALA A 144 -12.48 9.27 3.41
CA ALA A 144 -11.89 9.44 4.71
C ALA A 144 -10.70 10.35 4.63
N GLN A 145 -9.79 10.07 3.71
CA GLN A 145 -8.60 10.88 3.56
C GLN A 145 -8.92 12.30 3.20
N LEU A 146 -9.85 12.50 2.28
CA LEU A 146 -10.17 13.85 1.83
C LEU A 146 -10.81 14.63 2.96
N SER A 147 -11.60 13.98 3.79
CA SER A 147 -12.31 14.67 4.87
C SER A 147 -11.39 15.32 5.88
N ALA A 148 -10.16 14.82 5.99
CA ALA A 148 -9.13 15.38 6.88
C ALA A 148 -8.54 16.70 6.38
N THR A 149 -8.70 16.97 5.09
CA THR A 149 -8.09 18.17 4.49
C THR A 149 -8.97 19.05 3.69
N TYR A 150 -10.23 18.66 3.47
CA TYR A 150 -11.14 19.49 2.69
C TYR A 150 -12.46 19.57 3.35
N ASP A 151 -13.18 20.63 2.99
CA ASP A 151 -14.55 20.85 3.41
C ASP A 151 -15.47 20.21 2.40
N ASN A 152 -16.64 19.86 2.87
CA ASN A 152 -17.76 19.50 2.00
C ASN A 152 -17.41 18.27 1.20
N VAL A 153 -16.99 17.23 1.93
CA VAL A 153 -16.79 15.94 1.34
C VAL A 153 -18.06 15.09 1.51
N ARG A 154 -18.50 14.45 0.43
CA ARG A 154 -19.69 13.62 0.39
C ARG A 154 -19.28 12.26 -0.17
N LEU A 155 -19.93 11.19 0.33
CA LEU A 155 -19.61 9.82 -0.04
C LEU A 155 -20.91 9.11 -0.38
N TYR A 156 -21.03 8.55 -1.59
CA TYR A 156 -22.15 7.76 -1.98
C TYR A 156 -21.61 6.38 -2.35
N THR A 157 -21.96 5.30 -1.62
CA THR A 157 -21.52 3.95 -1.97
C THR A 157 -22.70 3.08 -2.29
N PHE A 158 -22.40 2.07 -3.10
CA PHE A 158 -23.38 1.11 -3.59
C PHE A 158 -22.85 -0.33 -3.42
N GLY A 159 -23.55 -1.14 -2.64
CA GLY A 159 -23.11 -2.54 -2.45
C GLY A 159 -21.76 -2.60 -1.75
N GLU A 160 -21.49 -1.67 -0.84
CA GLU A 160 -20.20 -1.55 -0.16
C GLU A 160 -20.03 -2.72 0.84
N PRO A 161 -18.89 -3.36 0.80
CA PRO A 161 -18.45 -4.26 1.85
C PRO A 161 -18.29 -3.49 3.16
N ARG A 162 -18.13 -4.22 4.25
CA ARG A 162 -17.68 -3.59 5.49
C ARG A 162 -16.22 -3.18 5.24
N SER A 163 -15.94 -1.89 5.23
CA SER A 163 -14.64 -1.38 4.80
C SER A 163 -13.55 -1.36 5.91
N GLY A 164 -13.95 -1.55 7.15
CA GLY A 164 -13.00 -1.52 8.26
C GLY A 164 -13.63 -1.84 9.59
N ASN A 165 -12.96 -1.42 10.67
CA ASN A 165 -13.39 -1.75 12.03
C ASN A 165 -14.32 -0.73 12.58
N GLN A 166 -14.74 -0.90 13.82
CA GLN A 166 -15.72 0.03 14.37
C GLN A 166 -15.08 1.37 14.59
N ALA A 167 -13.81 1.42 14.94
CA ALA A 167 -13.15 2.73 15.09
C ALA A 167 -13.27 3.53 13.79
N PHE A 168 -13.02 2.86 12.66
CA PHE A 168 -13.09 3.53 11.37
C PHE A 168 -14.51 3.96 11.06
N ALA A 169 -15.50 3.13 11.35
CA ALA A 169 -16.91 3.45 11.11
C ALA A 169 -17.28 4.68 11.92
N SER A 170 -16.82 4.72 13.18
CA SER A 170 -17.18 5.83 14.07
C SER A 170 -16.51 7.11 13.64
N TYR A 171 -15.28 7.03 13.15
CA TYR A 171 -14.62 8.18 12.56
C TYR A 171 -15.46 8.71 11.40
N MET A 172 -15.84 7.84 10.50
CA MET A 172 -16.65 8.26 9.36
C MET A 172 -17.97 8.83 9.80
N ASN A 173 -18.57 8.25 10.83
CA ASN A 173 -19.89 8.71 11.28
C ASN A 173 -19.77 10.16 11.80
N ASP A 174 -18.69 10.43 12.49
CA ASP A 174 -18.44 11.80 12.97
C ASP A 174 -18.13 12.73 11.82
N ALA A 175 -17.24 12.35 10.93
CA ALA A 175 -16.77 13.23 9.87
C ALA A 175 -17.84 13.55 8.82
N PHE A 176 -18.80 12.65 8.66
CA PHE A 176 -19.84 12.77 7.66
C PHE A 176 -21.21 13.03 8.28
N GLN A 177 -21.25 13.44 9.56
CA GLN A 177 -22.54 13.85 10.13
C GLN A 177 -23.68 12.85 10.03
N VAL A 178 -23.34 11.60 10.29
CA VAL A 178 -24.21 10.46 10.13
C VAL A 178 -25.29 10.40 11.24
N SER A 179 -25.12 11.16 12.32
CA SER A 179 -26.06 11.13 13.45
C SER A 179 -27.49 11.56 13.13
N SER A 180 -27.73 12.13 11.96
CA SER A 180 -29.09 12.35 11.47
C SER A 180 -29.16 12.15 9.96
N PRO A 181 -30.18 11.53 9.42
CA PRO A 181 -30.39 11.51 7.97
C PRO A 181 -30.53 12.88 7.35
N GLU A 182 -30.88 13.90 8.14
CA GLU A 182 -30.99 15.25 7.62
C GLU A 182 -29.66 15.93 7.42
N THR A 183 -28.61 15.41 8.06
CA THR A 183 -27.29 16.02 7.95
C THR A 183 -26.27 15.12 7.30
N THR A 184 -26.58 13.84 7.12
CA THR A 184 -25.55 12.90 6.65
C THR A 184 -24.98 13.30 5.30
N GLN A 185 -23.67 13.14 5.18
CA GLN A 185 -22.94 13.29 3.95
C GLN A 185 -22.40 11.95 3.46
N TYR A 186 -22.78 10.88 4.16
CA TYR A 186 -22.38 9.50 3.81
C TYR A 186 -23.65 8.65 3.59
N PHE A 187 -23.90 8.32 2.31
CA PHE A 187 -25.11 7.62 1.85
C PHE A 187 -24.61 6.23 1.46
N ARG A 188 -24.88 5.26 2.31
CA ARG A 188 -24.43 3.87 2.07
C ARG A 188 -25.63 3.08 1.52
N VAL A 189 -25.69 3.01 0.20
CA VAL A 189 -26.84 2.47 -0.52
C VAL A 189 -26.70 0.94 -0.74
N THR A 190 -27.76 0.24 -0.33
CA THR A 190 -27.81 -1.22 -0.49
C THR A 190 -29.06 -1.55 -1.26
N HIS A 191 -29.13 -2.82 -1.67
CA HIS A 191 -30.22 -3.28 -2.51
C HIS A 191 -30.66 -4.69 -2.10
N SER A 192 -31.95 -4.82 -1.79
CA SER A 192 -32.62 -6.06 -1.53
C SER A 192 -31.70 -6.95 -0.71
N ASN A 193 -31.39 -8.15 -1.14
CA ASN A 193 -30.56 -9.05 -0.39
C ASN A 193 -29.14 -9.15 -0.92
N ASP A 194 -28.56 -8.02 -1.35
CA ASP A 194 -27.15 -8.00 -1.77
C ASP A 194 -26.30 -8.63 -0.68
N GLY A 195 -25.48 -9.61 -1.03
CA GLY A 195 -24.66 -10.27 -0.04
C GLY A 195 -23.38 -9.54 0.36
N ILE A 196 -22.93 -8.60 -0.50
CA ILE A 196 -21.65 -7.92 -0.25
C ILE A 196 -21.63 -7.08 1.02
N PRO A 197 -22.71 -6.36 1.30
CA PRO A 197 -22.78 -5.64 2.59
C PRO A 197 -22.70 -6.48 3.86
N ASN A 198 -22.79 -7.81 3.74
CA ASN A 198 -22.55 -8.70 4.85
C ASN A 198 -21.12 -9.23 4.98
N LEU A 199 -20.21 -8.78 4.14
CA LEU A 199 -18.85 -9.29 4.13
C LEU A 199 -17.86 -8.16 4.29
N PRO A 200 -16.73 -8.35 4.97
CA PRO A 200 -16.41 -9.49 5.80
C PRO A 200 -17.46 -9.54 6.92
N PRO A 201 -17.67 -10.69 7.53
CA PRO A 201 -18.59 -10.79 8.65
C PRO A 201 -18.20 -9.84 9.80
N ALA A 202 -19.23 -9.33 10.44
CA ALA A 202 -19.04 -8.37 11.57
C ALA A 202 -18.17 -8.95 12.67
N GLU A 203 -18.33 -10.25 12.90
CA GLU A 203 -17.63 -10.93 13.98
C GLU A 203 -16.14 -11.07 13.76
N GLN A 204 -15.65 -10.77 12.55
CA GLN A 204 -14.21 -10.64 12.32
C GLN A 204 -13.65 -9.26 12.68
N GLY A 205 -14.46 -8.42 13.31
CA GLY A 205 -14.05 -7.09 13.75
C GLY A 205 -14.32 -5.99 12.76
N TYR A 206 -15.29 -6.22 11.90
CA TYR A 206 -15.69 -5.25 10.86
C TYR A 206 -17.05 -4.61 11.15
N ALA A 207 -17.21 -3.41 10.63
CA ALA A 207 -18.39 -2.62 10.87
C ALA A 207 -18.66 -1.69 9.68
N HIS A 208 -19.91 -1.36 9.49
CA HIS A 208 -20.29 -0.29 8.56
C HIS A 208 -20.47 1.02 9.34
N GLY A 209 -20.18 2.09 8.61
CA GLY A 209 -20.63 3.42 8.93
C GLY A 209 -21.65 3.89 7.94
N GLY A 210 -22.01 5.15 8.07
CA GLY A 210 -22.94 5.79 7.16
C GLY A 210 -24.39 5.56 7.54
N VAL A 211 -25.26 6.34 6.92
CA VAL A 211 -26.69 6.06 6.91
C VAL A 211 -26.95 5.08 5.74
N GLU A 212 -27.62 3.96 6.01
CA GLU A 212 -27.94 2.97 4.99
C GLU A 212 -29.24 3.38 4.33
N TYR A 213 -29.25 3.34 2.98
CA TYR A 213 -30.42 3.60 2.16
C TYR A 213 -30.64 2.30 1.44
N TRP A 214 -31.65 1.61 1.91
CA TRP A 214 -31.97 0.25 1.44
C TRP A 214 -33.05 0.26 0.39
N SER A 215 -32.66 -0.05 -0.85
CA SER A 215 -33.57 -0.13 -2.00
C SER A 215 -34.23 -1.50 -2.07
N VAL A 216 -35.54 -1.52 -1.91
CA VAL A 216 -36.36 -2.74 -2.04
C VAL A 216 -37.03 -2.69 -3.40
N ASP A 217 -37.23 -3.86 -3.99
CA ASP A 217 -37.86 -3.92 -5.30
C ASP A 217 -39.38 -3.90 -5.14
N PRO A 218 -40.12 -3.36 -6.09
CA PRO A 218 -39.61 -2.59 -7.22
C PRO A 218 -39.03 -1.25 -6.80
N TYR A 219 -37.89 -0.92 -7.37
CA TYR A 219 -37.16 0.25 -6.88
C TYR A 219 -37.88 1.60 -7.17
N SER A 220 -37.80 2.50 -6.19
CA SER A 220 -38.45 3.77 -6.25
C SER A 220 -38.12 4.54 -5.00
N ALA A 221 -38.41 5.82 -4.97
CA ALA A 221 -38.24 6.58 -3.72
C ALA A 221 -39.05 6.05 -2.56
N GLN A 222 -40.29 5.68 -2.84
CA GLN A 222 -41.21 5.26 -1.83
C GLN A 222 -40.86 3.87 -1.32
N ASN A 223 -40.02 3.14 -2.05
CA ASN A 223 -39.63 1.77 -1.64
C ASN A 223 -38.15 1.73 -1.29
N THR A 224 -37.59 2.87 -0.86
CA THR A 224 -36.25 2.95 -0.32
C THR A 224 -36.36 3.36 1.15
N PHE A 225 -35.59 2.70 1.97
CA PHE A 225 -35.65 2.81 3.43
C PHE A 225 -34.41 3.42 3.95
N VAL A 226 -34.55 4.23 5.00
CA VAL A 226 -33.45 4.94 5.65
C VAL A 226 -33.19 4.21 6.97
N CYS A 227 -32.00 3.66 7.10
CA CYS A 227 -31.67 2.73 8.15
C CYS A 227 -30.51 3.24 8.97
N THR A 228 -30.73 3.39 10.30
CA THR A 228 -29.77 3.90 11.25
C THR A 228 -29.74 3.06 12.53
N GLY A 229 -28.69 3.26 13.31
CA GLY A 229 -28.52 2.58 14.58
C GLY A 229 -27.96 1.18 14.46
N ASP A 230 -27.94 0.46 15.59
CA ASP A 230 -27.21 -0.83 15.70
C ASP A 230 -27.95 -2.13 15.52
N GLU A 231 -29.26 -2.11 15.33
CA GLU A 231 -30.00 -3.37 15.12
C GLU A 231 -29.65 -3.94 13.75
N VAL A 232 -29.70 -5.28 13.60
CA VAL A 232 -29.57 -5.93 12.32
C VAL A 232 -30.89 -5.72 11.61
N GLN A 233 -30.82 -5.11 10.42
CA GLN A 233 -32.00 -4.63 9.74
C GLN A 233 -31.64 -4.40 8.23
N CYS A 234 -32.63 -3.98 7.46
CA CYS A 234 -32.47 -3.63 6.09
C CYS A 234 -31.66 -4.70 5.33
N CYS A 235 -30.69 -4.32 4.51
CA CYS A 235 -29.99 -5.31 3.67
C CYS A 235 -29.34 -6.41 4.50
N GLU A 236 -28.71 -6.05 5.59
CA GLU A 236 -27.87 -6.99 6.35
C GLU A 236 -28.78 -8.07 6.97
N ALA A 237 -30.03 -7.75 7.23
CA ALA A 237 -30.97 -8.73 7.79
C ALA A 237 -31.37 -9.80 6.80
N GLN A 238 -31.23 -9.53 5.52
CA GLN A 238 -31.71 -10.45 4.48
C GLN A 238 -30.82 -11.64 4.32
N GLY A 239 -29.59 -11.59 4.78
CA GLY A 239 -28.66 -12.73 4.72
C GLY A 239 -28.30 -13.19 3.33
N GLY A 240 -28.25 -12.29 2.36
CA GLY A 240 -27.73 -12.68 1.08
C GLY A 240 -26.28 -13.17 1.18
N GLN A 241 -25.96 -14.08 0.25
CA GLN A 241 -24.67 -14.79 0.20
C GLN A 241 -23.87 -14.39 -1.00
N GLY A 242 -22.88 -13.57 -0.74
CA GLY A 242 -21.91 -13.22 -1.76
C GLY A 242 -22.42 -12.36 -2.88
N VAL A 243 -21.78 -12.49 -4.04
CA VAL A 243 -22.13 -11.71 -5.21
C VAL A 243 -23.33 -12.38 -5.84
N ASN A 244 -24.45 -11.73 -5.71
CA ASN A 244 -25.71 -12.23 -6.21
C ASN A 244 -26.40 -11.23 -7.13
N ASP A 245 -27.57 -11.54 -7.65
CA ASP A 245 -28.22 -10.65 -8.60
C ASP A 245 -28.48 -9.26 -8.02
N ALA A 246 -28.84 -9.20 -6.73
CA ALA A 246 -29.12 -7.91 -6.09
C ALA A 246 -27.87 -7.02 -6.06
N HIS A 247 -26.71 -7.64 -5.97
CA HIS A 247 -25.46 -6.90 -5.95
C HIS A 247 -25.16 -6.25 -7.27
N THR A 248 -25.46 -6.91 -8.38
CA THR A 248 -25.03 -6.44 -9.67
C THR A 248 -25.83 -5.28 -10.22
N THR A 249 -27.06 -5.13 -9.76
CA THR A 249 -28.01 -4.22 -10.38
C THR A 249 -28.64 -3.28 -9.34
N TYR A 250 -28.29 -1.99 -9.40
CA TYR A 250 -28.76 -0.97 -8.48
C TYR A 250 -29.65 0.00 -9.25
N PHE A 251 -30.88 0.27 -8.76
CA PHE A 251 -31.85 1.11 -9.48
C PHE A 251 -31.98 0.69 -10.95
N GLY A 252 -31.99 -0.63 -11.17
CA GLY A 252 -32.21 -1.16 -12.51
C GLY A 252 -31.03 -1.08 -13.44
N MET A 253 -29.87 -0.68 -12.94
CA MET A 253 -28.65 -0.53 -13.77
C MET A 253 -27.63 -1.59 -13.36
N THR A 254 -27.33 -2.53 -14.28
CA THR A 254 -26.32 -3.51 -14.07
C THR A 254 -24.93 -2.97 -14.37
N SER A 255 -23.94 -3.37 -13.60
CA SER A 255 -22.56 -2.95 -13.80
C SER A 255 -22.14 -3.06 -15.24
N GLY A 256 -21.72 -1.96 -15.82
CA GLY A 256 -21.12 -2.02 -17.16
C GLY A 256 -22.11 -2.18 -18.31
N ALA A 257 -23.42 -2.19 -18.05
CA ALA A 257 -24.38 -2.58 -19.10
C ALA A 257 -24.70 -1.42 -20.02
N CYS A 258 -24.60 -0.21 -19.54
CA CYS A 258 -24.86 0.97 -20.33
C CYS A 258 -26.26 1.03 -20.92
N THR A 259 -27.26 0.61 -20.17
CA THR A 259 -28.67 0.67 -20.53
C THR A 259 -29.40 1.93 -20.15
N TRP A 260 -28.73 2.77 -19.39
CA TRP A 260 -29.22 4.08 -18.98
C TRP A 260 -29.00 5.19 -20.02
N VAL A 261 -29.85 6.13 -20.04
N SER B 2 35.94 8.02 2.20
CA SER B 2 36.30 6.59 1.85
C SER B 2 37.62 6.21 2.43
N THR B 3 37.65 5.01 3.05
CA THR B 3 38.82 4.29 3.60
C THR B 3 38.79 2.81 3.16
N GLN B 4 39.96 2.18 3.04
CA GLN B 4 40.04 0.85 2.45
C GLN B 4 40.07 -0.24 3.53
N GLY B 5 39.20 -1.22 3.43
CA GLY B 5 39.42 -2.43 4.12
C GLY B 5 38.50 -2.53 5.29
N ILE B 6 37.96 -3.72 5.41
CA ILE B 6 37.19 -4.12 6.54
C ILE B 6 37.81 -5.37 7.13
N SER B 7 37.39 -5.72 8.31
CA SER B 7 37.84 -6.96 8.94
C SER B 7 37.37 -8.21 8.24
N GLU B 8 38.11 -9.31 8.41
CA GLU B 8 37.62 -10.55 7.86
C GLU B 8 36.26 -10.94 8.49
N ASP B 9 36.04 -10.63 9.78
CA ASP B 9 34.79 -11.04 10.41
C ASP B 9 33.63 -10.25 9.80
N LEU B 10 33.80 -8.95 9.57
CA LEU B 10 32.72 -8.19 8.94
C LEU B 10 32.53 -8.67 7.48
N TYR B 11 33.62 -8.88 6.78
CA TYR B 11 33.56 -9.43 5.42
C TYR B 11 32.74 -10.72 5.35
N ASN B 12 32.98 -11.68 6.26
CA ASN B 12 32.24 -12.93 6.26
C ASN B 12 30.73 -12.66 6.49
N ARG B 13 30.43 -11.69 7.33
CA ARG B 13 29.01 -11.35 7.54
C ARG B 13 28.34 -10.76 6.32
N LEU B 14 29.04 -9.87 5.63
CA LEU B 14 28.51 -9.31 4.37
C LEU B 14 28.30 -10.44 3.36
N VAL B 15 29.29 -11.28 3.22
CA VAL B 15 29.20 -12.42 2.31
C VAL B 15 28.01 -13.35 2.62
N GLU B 16 27.80 -13.64 3.89
CA GLU B 16 26.68 -14.45 4.31
C GLU B 16 25.36 -13.80 3.89
N MET B 17 25.22 -12.52 4.24
CA MET B 17 23.96 -11.85 3.90
C MET B 17 23.76 -11.73 2.39
N ALA B 18 24.84 -11.57 1.64
CA ALA B 18 24.76 -11.52 0.18
C ALA B 18 24.33 -12.87 -0.33
N THR B 19 24.82 -13.93 0.27
CA THR B 19 24.42 -15.28 -0.11
C THR B 19 22.92 -15.48 0.08
N ILE B 20 22.40 -15.15 1.24
CA ILE B 20 20.98 -15.29 1.55
C ILE B 20 20.18 -14.41 0.55
N SER B 21 20.64 -13.17 0.31
CA SER B 21 19.96 -12.31 -0.60
C SER B 21 19.88 -12.84 -2.04
N GLN B 22 21.00 -13.40 -2.53
CA GLN B 22 21.02 -13.90 -3.93
C GLN B 22 20.30 -15.27 -4.03
N ALA B 23 20.26 -16.02 -2.95
CA ALA B 23 19.55 -17.30 -2.89
C ALA B 23 18.03 -17.09 -2.85
N ALA B 24 17.57 -15.91 -2.44
CA ALA B 24 16.16 -15.63 -2.40
C ALA B 24 15.50 -15.62 -3.75
N TYR B 25 16.29 -15.50 -4.80
CA TYR B 25 15.80 -15.57 -6.19
C TYR B 25 15.56 -17.02 -6.64
N ALA B 26 16.02 -17.98 -5.87
CA ALA B 26 15.84 -19.40 -6.25
C ALA B 26 15.51 -20.25 -5.00
N ASP B 27 14.48 -19.84 -4.23
CA ASP B 27 13.95 -20.60 -3.09
C ASP B 27 14.98 -20.98 -2.06
N LEU B 28 15.88 -20.04 -1.79
CA LEU B 28 16.86 -20.20 -0.75
C LEU B 28 17.81 -21.37 -0.98
N CYS B 29 18.11 -21.63 -2.26
CA CYS B 29 19.03 -22.72 -2.65
C CYS B 29 20.36 -22.56 -1.89
N ASN B 30 20.80 -23.64 -1.23
CA ASN B 30 22.18 -23.73 -0.76
C ASN B 30 22.56 -22.69 0.29
N ILE B 31 21.62 -22.22 1.09
CA ILE B 31 21.99 -21.26 2.15
C ILE B 31 22.62 -22.05 3.31
N PRO B 32 23.34 -21.39 4.24
CA PRO B 32 23.94 -22.14 5.34
C PRO B 32 22.97 -23.03 6.06
N SER B 33 23.50 -24.19 6.43
CA SER B 33 22.76 -25.17 7.17
C SER B 33 22.47 -24.75 8.64
N THR B 34 23.08 -23.67 9.13
CA THR B 34 22.71 -23.16 10.46
C THR B 34 21.35 -22.47 10.45
N ILE B 35 20.80 -22.23 9.29
CA ILE B 35 19.59 -21.41 9.22
C ILE B 35 18.37 -22.32 9.23
N ILE B 36 17.46 -22.05 10.16
CA ILE B 36 16.11 -22.60 10.16
C ILE B 36 15.21 -21.72 9.28
N LYS B 37 14.58 -22.34 8.29
CA LYS B 37 13.67 -21.63 7.38
C LYS B 37 12.29 -21.54 7.96
N GLY B 38 11.76 -20.32 8.02
CA GLY B 38 10.41 -20.09 8.44
C GLY B 38 9.49 -19.81 7.28
N GLU B 39 8.43 -19.10 7.64
CA GLU B 39 7.34 -18.93 6.75
C GLU B 39 7.69 -18.02 5.55
N LYS B 40 7.14 -18.38 4.39
CA LYS B 40 7.20 -17.58 3.20
C LYS B 40 6.33 -16.33 3.34
N ILE B 41 6.89 -15.18 2.94
CA ILE B 41 6.15 -13.92 2.77
C ILE B 41 5.85 -13.76 1.29
N TYR B 42 4.60 -13.43 0.94
CA TYR B 42 4.22 -13.31 -0.44
C TYR B 42 2.96 -12.50 -0.61
N ASN B 43 2.96 -11.58 -1.56
CA ASN B 43 1.71 -10.93 -1.99
C ASN B 43 1.53 -11.17 -3.50
N ALA B 44 0.34 -11.55 -3.88
CA ALA B 44 0.05 -11.84 -5.29
C ALA B 44 -0.11 -10.63 -6.17
N GLN B 45 -0.47 -9.45 -5.63
CA GLN B 45 -0.60 -8.31 -6.50
C GLN B 45 0.75 -7.67 -6.89
N THR B 46 1.67 -7.64 -5.94
CA THR B 46 3.00 -7.05 -6.19
C THR B 46 4.08 -8.08 -6.50
N ASP B 47 3.76 -9.36 -6.33
CA ASP B 47 4.75 -10.43 -6.40
C ASP B 47 5.98 -10.15 -5.56
N ILE B 48 5.80 -9.56 -4.40
CA ILE B 48 6.87 -9.52 -3.44
C ILE B 48 7.04 -10.89 -2.77
N ASN B 49 8.28 -11.37 -2.69
CA ASN B 49 8.61 -12.70 -2.19
C ASN B 49 9.69 -12.52 -1.11
N GLY B 50 9.55 -13.17 0.01
CA GLY B 50 10.59 -13.24 1.01
C GLY B 50 10.40 -14.36 1.97
N TRP B 51 11.21 -14.37 3.03
CA TRP B 51 11.12 -15.34 4.07
C TRP B 51 11.56 -14.78 5.39
N ILE B 52 11.03 -15.30 6.48
CA ILE B 52 11.63 -15.19 7.78
C ILE B 52 12.43 -16.46 8.08
N LEU B 53 13.59 -16.26 8.69
CA LEU B 53 14.63 -17.25 8.98
C LEU B 53 15.13 -17.08 10.36
N ARG B 54 15.70 -18.14 10.97
CA ARG B 54 16.34 -17.96 12.25
C ARG B 54 17.65 -18.72 12.33
N ASP B 55 18.69 -18.09 12.81
CA ASP B 55 20.00 -18.74 12.98
C ASP B 55 20.24 -18.80 14.45
N ASP B 56 20.12 -19.99 15.03
CA ASP B 56 20.34 -20.11 16.47
C ASP B 56 21.82 -20.00 16.84
N THR B 57 22.70 -20.35 15.93
CA THR B 57 24.16 -20.25 16.20
C THR B 57 24.60 -18.80 16.39
N SER B 58 24.12 -17.89 15.54
CA SER B 58 24.53 -16.48 15.55
C SER B 58 23.50 -15.61 16.25
N LYS B 59 22.42 -16.23 16.71
CA LYS B 59 21.39 -15.52 17.45
C LYS B 59 20.79 -14.40 16.61
N GLU B 60 20.31 -14.76 15.42
CA GLU B 60 19.61 -13.78 14.61
C GLU B 60 18.37 -14.28 13.95
N ILE B 61 17.37 -13.43 13.88
CA ILE B 61 16.15 -13.63 13.11
C ILE B 61 16.32 -12.83 11.86
N ILE B 62 16.30 -13.49 10.70
CA ILE B 62 16.67 -12.86 9.44
C ILE B 62 15.45 -12.78 8.56
N THR B 63 15.08 -11.60 8.07
CA THR B 63 14.01 -11.40 7.09
C THR B 63 14.67 -11.05 5.80
N VAL B 64 14.48 -11.84 4.76
CA VAL B 64 15.05 -11.59 3.47
C VAL B 64 13.96 -11.39 2.43
N PHE B 65 14.19 -10.45 1.53
CA PHE B 65 13.36 -10.23 0.35
C PHE B 65 14.07 -10.52 -0.91
N ARG B 66 13.43 -11.28 -1.81
CA ARG B 66 13.85 -11.33 -3.16
C ARG B 66 13.76 -9.99 -3.91
N GLY B 67 14.74 -9.75 -4.80
CA GLY B 67 14.67 -8.64 -5.73
C GLY B 67 13.77 -8.98 -6.92
N THR B 68 14.04 -8.28 -8.03
CA THR B 68 13.13 -8.33 -9.18
C THR B 68 13.17 -9.68 -9.87
N GLY B 69 12.01 -10.34 -9.96
CA GLY B 69 11.95 -11.69 -10.52
C GLY B 69 10.73 -11.89 -11.40
N SER B 70 10.13 -10.82 -11.86
CA SER B 70 8.91 -10.89 -12.65
C SER B 70 8.61 -9.57 -13.26
N ASP B 71 7.73 -9.55 -14.25
CA ASP B 71 7.35 -8.29 -14.88
C ASP B 71 6.62 -7.41 -13.90
N THR B 72 5.86 -7.99 -12.98
CA THR B 72 5.21 -7.18 -11.98
C THR B 72 6.20 -6.45 -11.10
N ASN B 73 7.22 -7.14 -10.61
CA ASN B 73 8.31 -6.49 -9.89
C ASN B 73 8.94 -5.39 -10.73
N LEU B 74 9.20 -5.62 -11.99
CA LEU B 74 9.79 -4.61 -12.88
C LEU B 74 8.92 -3.37 -12.91
N GLN B 75 7.60 -3.55 -12.90
CA GLN B 75 6.68 -2.37 -12.80
C GLN B 75 6.84 -1.55 -11.55
N LEU B 76 6.98 -2.20 -10.38
CA LEU B 76 7.20 -1.52 -9.10
C LEU B 76 8.43 -0.70 -9.18
N ASP B 77 9.48 -1.30 -9.75
CA ASP B 77 10.80 -0.67 -9.81
C ASP B 77 10.67 0.70 -10.44
N THR B 78 9.81 0.84 -11.45
CA THR B 78 9.76 2.04 -12.29
C THR B 78 8.88 3.13 -11.77
N ASN B 79 8.18 2.85 -10.68
CA ASN B 79 7.37 3.87 -10.01
C ASN B 79 8.18 4.73 -9.06
N TYR B 80 8.73 5.79 -9.60
CA TYR B 80 9.63 6.74 -8.92
C TYR B 80 8.92 7.86 -8.21
N THR B 81 7.59 7.84 -8.19
CA THR B 81 6.85 8.82 -7.45
C THR B 81 7.12 8.67 -5.95
N LEU B 82 7.51 9.75 -5.29
CA LEU B 82 7.74 9.81 -3.86
C LEU B 82 6.43 9.79 -3.11
N THR B 83 6.37 8.93 -2.10
CA THR B 83 5.18 8.71 -1.31
C THR B 83 5.51 8.88 0.17
N PRO B 84 4.70 9.64 0.92
CA PRO B 84 4.92 9.79 2.36
C PRO B 84 4.98 8.42 3.04
N PHE B 85 5.92 8.23 3.95
CA PHE B 85 6.10 6.95 4.63
C PHE B 85 5.22 6.89 5.87
N ASP B 86 3.91 6.78 5.62
CA ASP B 86 2.93 6.93 6.66
C ASP B 86 2.95 5.81 7.69
N THR B 87 3.60 4.67 7.40
CA THR B 87 3.59 3.65 8.44
C THR B 87 4.51 4.06 9.60
N LEU B 88 5.39 5.03 9.38
CA LEU B 88 6.16 5.67 10.48
C LEU B 88 5.83 7.15 10.64
N PRO B 89 4.78 7.48 11.39
CA PRO B 89 4.39 8.89 11.48
C PRO B 89 5.46 9.78 12.14
N GLN B 90 6.33 9.19 12.93
CA GLN B 90 7.44 9.93 13.56
C GLN B 90 8.58 10.27 12.59
N CYS B 91 8.59 9.67 11.40
CA CYS B 91 9.62 9.93 10.37
C CYS B 91 9.12 11.19 9.65
N ASN B 92 9.49 12.37 10.16
CA ASN B 92 8.96 13.67 9.71
C ASN B 92 9.43 13.99 8.31
N ASP B 93 8.46 14.21 7.43
CA ASP B 93 8.67 14.51 6.04
C ASP B 93 9.34 13.41 5.23
N CYS B 94 9.33 12.22 5.79
CA CYS B 94 9.89 11.08 5.12
C CYS B 94 9.02 10.63 3.95
N GLU B 95 9.66 10.43 2.80
CA GLU B 95 9.01 9.89 1.61
C GLU B 95 9.90 8.79 1.04
N VAL B 96 9.26 7.77 0.46
CA VAL B 96 9.96 6.66 -0.11
C VAL B 96 9.55 6.42 -1.55
N HIS B 97 10.34 5.66 -2.28
CA HIS B 97 10.03 5.21 -3.60
C HIS B 97 8.61 4.58 -3.68
N GLY B 98 7.82 5.07 -4.61
CA GLY B 98 6.40 4.76 -4.58
C GLY B 98 6.15 3.30 -4.89
N GLY B 99 6.83 2.71 -5.86
CA GLY B 99 6.66 1.28 -6.09
C GLY B 99 7.02 0.46 -4.91
N TYR B 100 8.17 0.74 -4.30
CA TYR B 100 8.59 -0.06 -3.16
C TYR B 100 7.63 0.13 -1.97
N TYR B 101 6.99 1.29 -1.86
CA TYR B 101 6.04 1.49 -0.77
C TYR B 101 4.83 0.56 -1.00
N ILE B 102 4.36 0.42 -2.25
CA ILE B 102 3.29 -0.52 -2.54
C ILE B 102 3.73 -1.95 -2.19
N GLY B 103 4.98 -2.29 -2.50
CA GLY B 103 5.55 -3.55 -2.11
C GLY B 103 5.50 -3.79 -0.63
N TRP B 104 5.99 -2.83 0.11
CA TRP B 104 5.97 -2.88 1.54
C TRP B 104 4.56 -3.05 2.11
N ILE B 105 3.66 -2.17 1.70
CA ILE B 105 2.29 -2.24 2.25
C ILE B 105 1.67 -3.64 1.94
N SER B 106 1.99 -4.16 0.76
CA SER B 106 1.44 -5.46 0.30
C SER B 106 1.86 -6.66 1.14
N VAL B 107 2.98 -6.55 1.87
CA VAL B 107 3.42 -7.58 2.79
C VAL B 107 3.56 -7.19 4.26
N GLN B 108 3.29 -5.93 4.61
CA GLN B 108 3.55 -5.47 5.96
C GLN B 108 2.90 -6.35 7.03
N ASP B 109 1.68 -6.75 6.82
CA ASP B 109 0.96 -7.43 7.90
C ASP B 109 1.63 -8.81 8.15
N GLN B 110 2.05 -9.44 7.07
CA GLN B 110 2.74 -10.71 7.19
C GLN B 110 4.07 -10.53 7.88
N VAL B 111 4.86 -9.56 7.42
CA VAL B 111 6.17 -9.32 8.01
C VAL B 111 6.05 -8.98 9.48
N GLU B 112 5.15 -8.09 9.81
CA GLU B 112 5.00 -7.66 11.23
C GLU B 112 4.51 -8.77 12.13
N SER B 113 3.62 -9.61 11.64
CA SER B 113 3.13 -10.72 12.49
C SER B 113 4.21 -11.79 12.69
N LEU B 114 4.92 -12.13 11.64
CA LEU B 114 5.97 -13.17 11.70
C LEU B 114 7.13 -12.74 12.56
N VAL B 115 7.52 -11.46 12.40
CA VAL B 115 8.61 -10.91 13.22
C VAL B 115 8.20 -10.83 14.68
N LYS B 116 6.97 -10.43 14.96
CA LYS B 116 6.48 -10.34 16.36
C LYS B 116 6.57 -11.71 17.02
N GLN B 117 6.18 -12.73 16.29
CA GLN B 117 6.20 -14.06 16.84
C GLN B 117 7.64 -14.48 17.18
N GLN B 118 8.58 -14.28 16.26
CA GLN B 118 9.96 -14.71 16.50
C GLN B 118 10.62 -13.85 17.56
N ALA B 119 10.47 -12.51 17.45
CA ALA B 119 11.08 -11.56 18.43
C ALA B 119 10.64 -11.80 19.85
N SER B 120 9.37 -12.10 20.04
CA SER B 120 8.82 -12.31 21.39
C SER B 120 9.47 -13.51 22.05
N GLN B 121 9.67 -14.56 21.28
CA GLN B 121 10.23 -15.80 21.79
C GLN B 121 11.74 -15.70 21.96
N TYR B 122 12.43 -14.99 21.06
CA TYR B 122 13.90 -14.95 21.04
C TYR B 122 14.31 -13.50 21.20
N PRO B 123 14.03 -12.90 22.36
CA PRO B 123 14.24 -11.45 22.51
C PRO B 123 15.69 -11.01 22.55
N ASP B 124 16.61 -11.93 22.82
CA ASP B 124 18.05 -11.68 22.73
C ASP B 124 18.66 -11.87 21.32
N TYR B 125 17.85 -12.19 20.32
CA TYR B 125 18.38 -12.32 18.99
C TYR B 125 18.28 -10.96 18.30
N ALA B 126 19.22 -10.73 17.44
CA ALA B 126 19.15 -9.55 16.56
C ALA B 126 18.07 -9.75 15.53
N LEU B 127 17.50 -8.67 15.06
CA LEU B 127 16.56 -8.71 13.97
C LEU B 127 17.25 -8.15 12.76
N THR B 128 17.64 -9.01 11.84
CA THR B 128 18.38 -8.68 10.66
C THR B 128 17.46 -8.68 9.48
N VAL B 129 17.58 -7.67 8.62
CA VAL B 129 16.80 -7.55 7.41
C VAL B 129 17.77 -7.39 6.24
N THR B 130 17.56 -8.19 5.18
CA THR B 130 18.46 -8.18 4.03
C THR B 130 17.75 -8.43 2.70
N GLY B 131 18.41 -7.99 1.63
CA GLY B 131 17.94 -8.30 0.27
C GLY B 131 18.83 -7.58 -0.71
N HIS B 132 18.63 -7.94 -1.98
CA HIS B 132 19.34 -7.34 -3.11
C HIS B 132 18.40 -6.59 -4.05
N SER B 133 18.82 -5.41 -4.51
CA SER B 133 18.07 -4.59 -5.49
C SER B 133 16.66 -4.28 -4.95
N LEU B 134 15.58 -4.65 -5.65
CA LEU B 134 14.20 -4.38 -5.14
C LEU B 134 14.09 -4.94 -3.74
N GLY B 135 14.73 -6.04 -3.48
CA GLY B 135 14.69 -6.65 -2.19
C GLY B 135 15.42 -5.91 -1.09
N ALA B 136 16.42 -5.17 -1.51
CA ALA B 136 17.15 -4.25 -0.65
C ALA B 136 16.26 -3.12 -0.23
N SER B 137 15.52 -2.54 -1.16
CA SER B 137 14.62 -1.44 -0.77
C SER B 137 13.49 -1.97 0.11
N MET B 138 12.97 -3.15 -0.22
CA MET B 138 12.03 -3.77 0.68
C MET B 138 12.59 -3.95 2.11
N ALA B 139 13.85 -4.39 2.19
CA ALA B 139 14.52 -4.56 3.44
C ALA B 139 14.66 -3.22 4.14
N ALA B 140 15.02 -2.18 3.42
CA ALA B 140 15.16 -0.83 4.06
C ALA B 140 13.87 -0.35 4.67
N LEU B 141 12.77 -0.43 3.92
CA LEU B 141 11.48 -0.02 4.44
C LEU B 141 11.05 -0.83 5.64
N THR B 142 11.29 -2.13 5.56
CA THR B 142 10.93 -3.03 6.65
C THR B 142 11.77 -2.67 7.89
N ALA B 143 13.07 -2.53 7.68
CA ALA B 143 13.94 -2.22 8.80
C ALA B 143 13.64 -0.91 9.50
N ALA B 144 13.28 0.05 8.68
CA ALA B 144 12.81 1.32 9.25
C ALA B 144 11.64 1.07 10.19
N GLN B 145 10.63 0.34 9.74
CA GLN B 145 9.47 0.06 10.58
C GLN B 145 9.88 -0.69 11.83
N LEU B 146 10.70 -1.72 11.68
CA LEU B 146 11.05 -2.57 12.82
C LEU B 146 11.86 -1.77 13.84
N SER B 147 12.72 -0.87 13.38
CA SER B 147 13.61 -0.11 14.29
C SER B 147 12.85 0.75 15.26
N ALA B 148 11.62 1.13 14.92
CA ALA B 148 10.81 1.98 15.77
C ALA B 148 10.14 1.22 16.91
N THR B 149 10.09 -0.10 16.80
CA THR B 149 9.46 -0.92 17.83
C THR B 149 10.42 -1.83 18.59
N TYR B 150 11.40 -2.39 17.89
CA TYR B 150 12.25 -3.46 18.44
C TYR B 150 13.64 -2.93 18.65
N ASP B 151 14.36 -3.60 19.54
CA ASP B 151 15.79 -3.30 19.71
C ASP B 151 16.58 -4.22 18.74
N ASN B 152 17.81 -3.86 18.51
CA ASN B 152 18.72 -4.67 17.79
C ASN B 152 18.34 -4.99 16.37
N VAL B 153 17.94 -3.97 15.61
CA VAL B 153 17.67 -4.14 14.20
C VAL B 153 18.89 -3.85 13.37
N ARG B 154 19.23 -4.74 12.46
CA ARG B 154 20.35 -4.58 11.58
C ARG B 154 19.89 -4.72 10.13
N LEU B 155 20.51 -3.95 9.26
CA LEU B 155 20.09 -3.90 7.86
C LEU B 155 21.31 -4.07 6.98
N TYR B 156 21.30 -5.10 6.12
CA TYR B 156 22.34 -5.32 5.14
C TYR B 156 21.66 -5.29 3.78
N THR B 157 22.06 -4.35 2.95
CA THR B 157 21.54 -4.28 1.59
C THR B 157 22.62 -4.39 0.55
N PHE B 158 22.22 -4.92 -0.62
CA PHE B 158 23.12 -5.16 -1.73
C PHE B 158 22.50 -4.55 -2.97
N GLY B 159 23.23 -3.67 -3.62
CA GLY B 159 22.73 -3.07 -4.86
C GLY B 159 21.43 -2.31 -4.64
N GLU B 160 21.33 -1.62 -3.52
CA GLU B 160 20.10 -0.91 -3.12
C GLU B 160 19.91 0.35 -3.93
N PRO B 161 18.73 0.49 -4.54
CA PRO B 161 18.31 1.75 -5.08
C PRO B 161 18.32 2.87 -4.03
N ARG B 162 18.23 4.12 -4.45
CA ARG B 162 17.91 5.16 -3.44
C ARG B 162 16.44 4.91 -3.00
N SER B 163 16.23 4.56 -1.72
CA SER B 163 14.94 4.04 -1.28
C SER B 163 13.94 5.18 -0.94
N GLY B 164 14.43 6.42 -0.76
CA GLY B 164 13.57 7.51 -0.35
C GLY B 164 14.33 8.80 -0.39
N ASN B 165 13.76 9.78 0.27
CA ASN B 165 14.25 11.17 0.23
C ASN B 165 15.31 11.39 1.31
N GLN B 166 15.83 12.63 1.43
CA GLN B 166 16.85 12.84 2.43
C GLN B 166 16.29 12.79 3.85
N ALA B 167 15.03 13.18 4.06
CA ALA B 167 14.46 13.05 5.38
C ALA B 167 14.44 11.57 5.85
N PHE B 168 14.10 10.65 4.91
CA PHE B 168 14.12 9.20 5.18
C PHE B 168 15.54 8.76 5.50
N ALA B 169 16.49 9.26 4.70
CA ALA B 169 17.91 8.92 4.95
C ALA B 169 18.40 9.36 6.31
N SER B 170 18.04 10.59 6.65
CA SER B 170 18.47 11.13 7.92
C SER B 170 17.84 10.35 9.05
N TYR B 171 16.57 9.93 8.88
CA TYR B 171 15.93 9.16 9.88
C TYR B 171 16.63 7.82 10.06
N MET B 172 16.91 7.18 8.94
CA MET B 172 17.59 5.88 9.01
C MET B 172 19.00 6.00 9.62
N ASN B 173 19.70 7.09 9.26
CA ASN B 173 21.05 7.28 9.79
C ASN B 173 21.03 7.41 11.31
N ASP B 174 20.03 8.11 11.84
CA ASP B 174 19.90 8.24 13.30
C ASP B 174 19.54 6.91 13.96
N ALA B 175 18.62 6.19 13.33
CA ALA B 175 18.05 4.98 13.88
C ALA B 175 19.06 3.81 13.87
N PHE B 176 20.02 3.83 12.95
CA PHE B 176 20.96 2.74 12.74
C PHE B 176 22.38 3.16 13.08
N GLN B 177 22.51 4.29 13.81
CA GLN B 177 23.80 4.75 14.37
C GLN B 177 24.90 4.89 13.29
N VAL B 178 24.50 5.41 12.14
CA VAL B 178 25.33 5.46 10.96
C VAL B 178 26.52 6.45 11.08
N SER B 179 26.44 7.36 12.03
CA SER B 179 27.46 8.41 12.13
C SER B 179 28.87 7.88 12.40
N SER B 180 29.01 6.63 12.82
CA SER B 180 30.34 6.00 12.91
C SER B 180 30.28 4.60 12.29
N PRO B 181 31.23 4.25 11.41
CA PRO B 181 31.31 2.87 10.99
C PRO B 181 31.48 1.88 12.13
N GLU B 182 31.98 2.30 13.30
CA GLU B 182 32.18 1.41 14.43
C GLU B 182 30.89 1.06 15.11
N THR B 183 29.86 1.88 14.90
CA THR B 183 28.53 1.65 15.46
C THR B 183 27.45 1.28 14.47
N THR B 184 27.69 1.48 13.16
CA THR B 184 26.57 1.40 12.23
C THR B 184 25.95 0.04 12.27
N GLN B 185 24.62 0.04 12.16
CA GLN B 185 23.83 -1.17 12.02
C GLN B 185 23.20 -1.23 10.64
N TYR B 186 23.53 -0.28 9.78
CA TYR B 186 23.05 -0.25 8.38
C TYR B 186 24.30 -0.35 7.47
N PHE B 187 24.41 -1.50 6.79
CA PHE B 187 25.53 -1.81 5.91
C PHE B 187 24.95 -1.74 4.49
N ARG B 188 25.24 -0.67 3.79
CA ARG B 188 24.73 -0.48 2.42
C ARG B 188 25.83 -0.92 1.44
N VAL B 189 25.76 -2.16 0.97
CA VAL B 189 26.86 -2.74 0.23
C VAL B 189 26.64 -2.51 -1.25
N THR B 190 27.71 -2.03 -1.88
CA THR B 190 27.65 -1.75 -3.33
C THR B 190 28.83 -2.48 -3.97
N HIS B 191 28.82 -2.56 -5.29
CA HIS B 191 29.87 -3.31 -6.03
C HIS B 191 30.29 -2.57 -7.27
N SER B 192 31.58 -2.20 -7.35
CA SER B 192 32.17 -1.68 -8.57
C SER B 192 31.34 -0.57 -9.15
N ASN B 193 30.90 -0.65 -10.43
CA ASN B 193 30.07 0.38 -11.04
C ASN B 193 28.60 -0.06 -11.18
N ASP B 194 28.08 -0.78 -10.21
CA ASP B 194 26.67 -1.12 -10.18
C ASP B 194 25.85 0.14 -10.49
N GLY B 195 24.96 0.07 -11.48
CA GLY B 195 24.18 1.25 -11.85
C GLY B 195 22.94 1.48 -10.97
N ILE B 196 22.47 0.48 -10.26
CA ILE B 196 21.24 0.61 -9.49
C ILE B 196 21.32 1.57 -8.28
N PRO B 197 22.41 1.61 -7.56
CA PRO B 197 22.58 2.66 -6.52
C PRO B 197 22.56 4.08 -7.07
N ASN B 198 22.56 4.27 -8.40
CA ASN B 198 22.41 5.58 -8.98
C ASN B 198 20.98 5.92 -9.33
N LEU B 199 20.04 5.10 -8.92
CA LEU B 199 18.64 5.26 -9.32
C LEU B 199 17.74 5.13 -8.10
N PRO B 200 16.64 5.89 -8.06
CA PRO B 200 16.34 6.98 -8.99
C PRO B 200 17.42 8.05 -8.84
N PRO B 201 17.56 8.93 -9.84
CA PRO B 201 18.53 10.02 -9.78
C PRO B 201 18.35 10.82 -8.51
N ALA B 202 19.43 11.22 -7.85
CA ALA B 202 19.30 11.98 -6.65
C ALA B 202 18.48 13.24 -6.88
N GLU B 203 18.63 13.83 -8.05
CA GLU B 203 18.01 15.13 -8.35
C GLU B 203 16.50 15.07 -8.47
N GLN B 204 15.93 13.87 -8.47
CA GLN B 204 14.48 13.74 -8.34
C GLN B 204 14.02 13.73 -6.90
N GLY B 205 14.91 14.06 -5.96
CA GLY B 205 14.62 14.16 -4.55
C GLY B 205 14.91 12.90 -3.73
N TYR B 206 15.87 12.11 -4.19
CA TYR B 206 16.21 10.83 -3.54
C TYR B 206 17.59 10.93 -2.92
N ALA B 207 17.79 10.16 -1.88
CA ALA B 207 19.04 10.08 -1.19
C ALA B 207 19.31 8.68 -0.66
N HIS B 208 20.56 8.38 -0.31
CA HIS B 208 20.87 7.14 0.38
C HIS B 208 21.24 7.47 1.83
N GLY B 209 20.90 6.57 2.72
CA GLY B 209 21.46 6.55 4.05
C GLY B 209 22.39 5.37 4.14
N GLY B 210 22.81 5.09 5.36
CA GLY B 210 23.69 3.98 5.64
C GLY B 210 25.17 4.35 5.49
N VAL B 211 26.03 3.42 5.90
CA VAL B 211 27.44 3.48 5.58
C VAL B 211 27.58 2.63 4.33
N GLU B 212 28.22 3.15 3.31
CA GLU B 212 28.44 2.38 2.07
C GLU B 212 29.66 1.47 2.23
N TYR B 213 29.51 0.19 1.88
CA TYR B 213 30.61 -0.76 1.83
C TYR B 213 30.77 -1.11 0.36
N TRP B 214 31.83 -0.57 -0.23
CA TRP B 214 32.00 -0.58 -1.68
C TRP B 214 32.99 -1.65 -2.01
N SER B 215 32.48 -2.75 -2.57
CA SER B 215 33.29 -3.85 -3.05
C SER B 215 33.89 -3.55 -4.41
N VAL B 216 35.21 -3.41 -4.39
CA VAL B 216 36.03 -3.25 -5.56
C VAL B 216 36.60 -4.63 -5.97
N ASP B 217 36.69 -4.83 -7.29
CA ASP B 217 37.21 -6.07 -7.86
C ASP B 217 38.76 -6.04 -7.81
N PRO B 218 39.40 -7.15 -7.52
CA PRO B 218 38.78 -8.43 -7.12
C PRO B 218 38.34 -8.47 -5.68
N TYR B 219 37.11 -8.94 -5.46
CA TYR B 219 36.52 -8.76 -4.16
C TYR B 219 37.26 -9.49 -3.03
N SER B 220 37.33 -8.82 -1.89
CA SER B 220 38.00 -9.30 -0.69
C SER B 220 37.71 -8.36 0.42
N ALA B 221 38.08 -8.73 1.63
CA ALA B 221 37.97 -7.79 2.74
C ALA B 221 38.78 -6.52 2.54
N GLN B 222 40.03 -6.68 2.09
CA GLN B 222 40.91 -5.51 1.85
C GLN B 222 40.39 -4.59 0.76
N ASN B 223 39.69 -5.19 -0.20
CA ASN B 223 39.19 -4.41 -1.32
C ASN B 223 37.74 -4.01 -1.13
N THR B 224 37.25 -4.03 0.12
CA THR B 224 35.93 -3.50 0.41
C THR B 224 36.12 -2.21 1.15
N PHE B 225 35.67 -1.13 0.57
CA PHE B 225 35.91 0.23 1.09
C PHE B 225 34.75 0.70 1.95
N VAL B 226 35.03 1.49 2.98
CA VAL B 226 34.02 2.07 3.86
C VAL B 226 33.89 3.53 3.46
N CYS B 227 32.72 3.90 2.98
CA CYS B 227 32.45 5.18 2.39
C CYS B 227 31.39 5.90 3.22
N THR B 228 31.74 7.03 3.78
CA THR B 228 30.87 7.79 4.66
C THR B 228 30.41 9.10 4.05
N GLY B 229 29.31 9.57 4.60
CA GLY B 229 28.75 10.84 4.20
C GLY B 229 28.13 10.73 2.85
N ASP B 230 27.90 11.87 2.21
CA ASP B 230 27.02 11.81 1.06
C ASP B 230 27.41 12.56 -0.20
N GLU B 231 28.65 13.00 -0.27
CA GLU B 231 29.21 13.34 -1.57
C GLU B 231 29.13 12.11 -2.55
N VAL B 232 29.19 12.44 -3.82
CA VAL B 232 29.29 11.48 -4.88
C VAL B 232 30.69 10.87 -4.76
N GLN B 233 30.71 9.56 -4.57
CA GLN B 233 31.91 8.81 -4.23
C GLN B 233 31.67 7.30 -4.47
N CYS B 234 32.73 6.52 -4.43
CA CYS B 234 32.67 5.07 -4.42
C CYS B 234 31.79 4.58 -5.56
N CYS B 235 30.78 3.77 -5.32
CA CYS B 235 30.01 3.20 -6.43
C CYS B 235 29.33 4.31 -7.25
N GLU B 236 28.77 5.30 -6.57
CA GLU B 236 27.95 6.32 -7.21
C GLU B 236 28.82 7.24 -8.04
N ALA B 237 30.12 7.28 -7.79
CA ALA B 237 31.05 8.05 -8.62
C ALA B 237 31.48 7.34 -9.89
N GLN B 238 31.05 6.12 -10.13
CA GLN B 238 31.51 5.38 -11.29
C GLN B 238 30.55 5.49 -12.46
N GLY B 239 29.37 6.02 -12.24
CA GLY B 239 28.48 6.35 -13.30
C GLY B 239 27.94 5.13 -14.05
N GLY B 240 27.77 4.01 -13.37
CA GLY B 240 27.17 2.84 -14.00
C GLY B 240 25.69 3.10 -14.39
N GLN B 241 25.19 2.31 -15.32
CA GLN B 241 23.89 2.57 -15.96
C GLN B 241 23.00 1.35 -15.84
N GLY B 242 21.98 1.48 -15.00
CA GLY B 242 20.99 0.46 -14.83
C GLY B 242 21.52 -0.87 -14.36
N VAL B 243 20.81 -1.92 -14.72
CA VAL B 243 21.20 -3.28 -14.41
C VAL B 243 22.36 -3.70 -15.28
N ASN B 244 23.51 -3.79 -14.66
CA ASN B 244 24.74 -4.13 -15.33
C ASN B 244 25.41 -5.28 -14.60
N ASP B 245 26.52 -5.76 -15.14
CA ASP B 245 27.18 -6.94 -14.60
C ASP B 245 27.53 -6.80 -13.12
N ALA B 246 27.98 -5.60 -12.74
CA ALA B 246 28.35 -5.32 -11.36
C ALA B 246 27.12 -5.47 -10.46
N HIS B 247 25.95 -5.13 -10.99
CA HIS B 247 24.77 -5.18 -10.17
C HIS B 247 24.36 -6.56 -9.77
N THR B 248 24.48 -7.48 -10.70
CA THR B 248 23.94 -8.81 -10.45
C THR B 248 24.80 -9.75 -9.68
N THR B 249 26.07 -9.43 -9.51
CA THR B 249 27.07 -10.35 -8.91
C THR B 249 27.77 -9.64 -7.74
N TYR B 250 27.44 -10.07 -6.53
CA TYR B 250 28.01 -9.58 -5.26
C TYR B 250 28.84 -10.65 -4.63
N PHE B 251 30.10 -10.35 -4.33
CA PHE B 251 31.04 -11.33 -3.80
C PHE B 251 31.02 -12.62 -4.64
N GLY B 252 31.00 -12.43 -5.96
CA GLY B 252 31.07 -13.55 -6.87
C GLY B 252 29.80 -14.39 -6.96
N MET B 253 28.70 -13.93 -6.35
CA MET B 253 27.42 -14.65 -6.37
C MET B 253 26.39 -13.88 -7.17
N THR B 254 25.93 -14.49 -8.25
CA THR B 254 24.90 -13.92 -9.08
C THR B 254 23.49 -14.30 -8.57
N SER B 255 22.57 -13.34 -8.63
CA SER B 255 21.20 -13.55 -8.22
C SER B 255 20.63 -14.87 -8.77
N GLY B 256 20.23 -15.80 -7.90
CA GLY B 256 19.54 -17.01 -8.35
C GLY B 256 20.40 -18.00 -9.07
N ALA B 257 21.71 -17.77 -9.13
CA ALA B 257 22.61 -18.69 -9.88
C ALA B 257 22.86 -19.97 -9.12
N CYS B 258 22.73 -19.96 -7.81
CA CYS B 258 22.94 -21.16 -7.00
C CYS B 258 24.32 -21.82 -7.19
N THR B 259 25.35 -21.00 -7.39
CA THR B 259 26.72 -21.46 -7.62
C THR B 259 27.54 -21.58 -6.33
N TRP B 260 26.97 -21.14 -5.21
CA TRP B 260 27.56 -21.28 -3.87
C TRP B 260 27.13 -22.62 -3.23
N VAL B 261 27.65 -23.20 -2.26
#